data_2ZF0
#
_entry.id   2ZF0
#
_cell.length_a   70.0
_cell.length_b   70.3
_cell.length_c   72.5
_cell.angle_alpha   90.00
_cell.angle_beta   101.1
_cell.angle_gamma   90.00
#
_symmetry.space_group_name_H-M   'C 1 2 1'
#
loop_
_entity.id
_entity.type
_entity.pdbx_description
1 polymer 'Thrombin Light Chain'
2 polymer 'Thrombin Heavy Chain'
3 polymer 'Hirudin variant-1'
4 non-polymer 'SODIUM ION'
5 non-polymer D-phenylalanyl-N-(3-methylbenzyl)-L-prolinamide
6 water water
#
loop_
_entity_poly.entity_id
_entity_poly.type
_entity_poly.pdbx_seq_one_letter_code
_entity_poly.pdbx_strand_id
1 'polypeptide(L)' TFGSGEADCGLRPLFEKKSLEDKTERELLESYIDGR L
2 'polypeptide(L)'
;IVEGSDAEIGMSPWQVMLFRKSPQELLCGASLISDRWVLTAAHCLLYPPWDKNFTENDLLVRIGKHSRTRYERNIEKISM
LEKIYIHPRYNWRENLDRDIALMKLKKPVAFSDYIHPVCLPDRETAASLLQAGYKGRVTGWGNLKETWTANVGKGQPSVL
QVVNLPIVERPVCKDSTRIRITDNMFCAGYKPDEGKRGDACEGDSGGPFVMKSPFNNRWYQMGIVSWGEGCDRDGKYGFY
THVFRLKKWIQKVIDQFGE
;
H
3 'polypeptide(L)' GDFEEIPEE(TYS)L I
#
loop_
_chem_comp.id
_chem_comp.type
_chem_comp.name
_chem_comp.formula
51U peptide-like D-phenylalanyl-N-(3-methylbenzyl)-L-prolinamide 'C22 H27 N3 O2'
NA non-polymer 'SODIUM ION' 'Na 1'
#
# COMPACT_ATOMS: atom_id res chain seq x y z
N GLU A 6 -15.20 -3.92 -3.28
CA GLU A 6 -16.50 -4.32 -3.83
C GLU A 6 -16.87 -5.72 -3.37
N ALA A 7 -17.76 -6.40 -4.09
CA ALA A 7 -18.19 -7.72 -3.61
C ALA A 7 -17.21 -8.80 -4.03
N ASP A 8 -16.38 -8.44 -5.00
CA ASP A 8 -15.40 -9.38 -5.52
C ASP A 8 -14.01 -9.06 -5.01
N CYS A 9 -13.95 -8.17 -4.03
CA CYS A 9 -12.68 -7.66 -3.54
C CYS A 9 -11.74 -8.79 -3.15
N GLY A 10 -10.44 -8.59 -3.33
CA GLY A 10 -9.48 -9.52 -2.74
C GLY A 10 -9.47 -10.85 -3.45
N LEU A 11 -10.27 -11.06 -4.48
CA LEU A 11 -10.09 -12.25 -5.32
C LEU A 11 -9.42 -11.81 -6.62
N ARG A 12 -8.16 -12.21 -6.79
CA ARG A 12 -7.38 -11.85 -7.96
C ARG A 12 -7.74 -12.70 -9.18
N PRO A 13 -8.09 -11.99 -10.25
CA PRO A 13 -8.42 -12.64 -11.51
C PRO A 13 -7.38 -13.66 -11.94
N LEU A 14 -6.09 -13.38 -11.75
CA LEU A 14 -5.10 -14.35 -12.26
C LEU A 14 -4.63 -15.35 -11.22
N PHE A 15 -5.19 -15.34 -10.02
CA PHE A 15 -4.82 -16.32 -8.99
C PHE A 15 -6.08 -16.90 -8.36
N GLU A 16 -6.70 -16.25 -7.36
CA GLU A 16 -7.85 -16.87 -6.70
C GLU A 16 -8.96 -17.24 -7.68
N LYS A 17 -9.33 -16.33 -8.59
CA LYS A 17 -10.43 -16.65 -9.51
C LYS A 17 -10.14 -17.84 -10.41
N LYS A 18 -8.88 -18.21 -10.58
CA LYS A 18 -8.53 -19.34 -11.41
C LYS A 18 -8.05 -20.52 -10.56
N SER A 19 -8.18 -20.38 -9.25
CA SER A 19 -7.62 -21.36 -8.32
C SER A 19 -6.13 -21.57 -8.57
N LEU A 20 -5.46 -20.49 -8.96
CA LEU A 20 -3.99 -20.57 -9.01
C LEU A 20 -3.44 -19.87 -7.77
N GLU A 21 -2.27 -20.32 -7.30
CA GLU A 21 -1.71 -19.59 -6.15
C GLU A 21 -0.49 -18.82 -6.60
N ASP A 22 -0.13 -17.72 -5.92
CA ASP A 22 1.14 -17.10 -6.27
C ASP A 22 2.26 -17.83 -5.52
N LYS A 23 3.50 -17.55 -5.87
CA LYS A 23 4.64 -18.29 -5.37
C LYS A 23 4.88 -18.14 -3.89
N THR A 24 4.39 -17.09 -3.22
CA THR A 24 4.81 -17.04 -1.81
C THR A 24 3.61 -16.92 -0.89
N GLU A 25 2.38 -17.07 -1.41
CA GLU A 25 1.27 -16.84 -0.48
C GLU A 25 1.20 -17.95 0.58
N ARG A 26 1.79 -19.09 0.27
CA ARG A 26 1.85 -20.17 1.23
C ARG A 26 2.56 -19.72 2.51
N GLU A 27 3.62 -18.95 2.33
CA GLU A 27 4.37 -18.41 3.46
C GLU A 27 3.46 -17.66 4.41
N LEU A 28 2.46 -16.94 3.87
CA LEU A 28 1.55 -16.24 4.78
C LEU A 28 0.66 -17.21 5.54
N LEU A 29 0.09 -18.15 4.80
CA LEU A 29 -0.75 -19.19 5.36
C LEU A 29 -0.05 -19.89 6.50
N GLU A 30 1.20 -20.30 6.22
CA GLU A 30 1.93 -21.01 7.25
C GLU A 30 2.08 -20.19 8.52
N SER A 31 2.02 -18.86 8.41
CA SER A 31 2.27 -18.02 9.59
C SER A 31 0.99 -17.76 10.36
N TYR A 32 -0.14 -18.05 9.72
CA TYR A 32 -1.43 -17.84 10.37
C TYR A 32 -1.73 -19.08 11.21
N ILE A 33 -0.96 -19.19 12.28
CA ILE A 33 -0.80 -20.36 13.12
C ILE A 33 -1.79 -20.45 14.26
N ILE B 1 10.89 -1.19 -2.01
CA ILE B 1 10.89 -2.41 -1.19
C ILE B 1 12.30 -2.97 -1.07
N VAL B 2 12.71 -3.34 0.15
CA VAL B 2 14.08 -3.86 0.27
C VAL B 2 14.06 -5.36 0.49
N GLU B 3 14.85 -6.10 -0.27
CA GLU B 3 14.98 -7.54 -0.11
C GLU B 3 13.71 -8.25 -0.53
N GLY B 4 12.97 -7.61 -1.43
CA GLY B 4 11.73 -8.27 -1.85
C GLY B 4 12.02 -9.01 -3.16
N SER B 5 10.98 -9.39 -3.87
CA SER B 5 11.10 -10.08 -5.15
C SER B 5 10.22 -9.40 -6.19
N ASP B 6 10.46 -9.67 -7.48
CA ASP B 6 9.59 -9.08 -8.49
C ASP B 6 8.18 -9.60 -8.24
N ALA B 7 7.18 -8.75 -8.42
CA ALA B 7 5.80 -9.20 -8.34
C ALA B 7 5.52 -10.14 -9.51
N GLU B 8 4.60 -11.09 -9.33
CA GLU B 8 4.08 -11.86 -10.44
C GLU B 8 3.07 -10.98 -11.18
N ILE B 9 2.83 -11.21 -12.46
CA ILE B 9 1.76 -10.50 -13.16
C ILE B 9 0.42 -10.76 -12.47
N GLY B 10 -0.38 -9.74 -12.20
CA GLY B 10 -1.65 -9.87 -11.52
C GLY B 10 -1.61 -10.24 -10.06
N MET B 11 -0.45 -10.23 -9.43
CA MET B 11 -0.31 -10.66 -8.05
C MET B 11 -0.93 -9.71 -7.03
N SER B 12 -1.01 -8.46 -7.44
CA SER B 12 -1.46 -7.34 -6.62
C SER B 12 -2.27 -6.38 -7.47
N PRO B 13 -3.42 -6.83 -7.99
CA PRO B 13 -4.17 -6.02 -8.95
C PRO B 13 -4.74 -4.75 -8.33
N TRP B 14 -4.68 -4.63 -7.01
CA TRP B 14 -5.14 -3.45 -6.28
C TRP B 14 -4.02 -2.41 -6.18
N GLN B 15 -2.82 -2.78 -6.64
CA GLN B 15 -1.70 -1.87 -6.47
C GLN B 15 -1.84 -0.62 -7.33
N VAL B 16 -1.70 0.53 -6.69
CA VAL B 16 -1.85 1.78 -7.46
C VAL B 16 -0.58 2.61 -7.38
N MET B 17 -0.31 3.32 -8.46
CA MET B 17 0.83 4.23 -8.48
C MET B 17 0.31 5.66 -8.46
N LEU B 18 0.73 6.39 -7.45
CA LEU B 18 0.52 7.83 -7.37
C LEU B 18 1.60 8.47 -8.24
N PHE B 19 1.18 9.18 -9.27
CA PHE B 19 2.18 9.69 -10.22
C PHE B 19 2.09 11.20 -10.35
N ARG B 20 3.26 11.86 -10.36
CA ARG B 20 3.25 13.32 -10.52
C ARG B 20 3.17 13.68 -12.00
N LYS B 21 2.32 14.66 -12.32
CA LYS B 21 2.15 15.09 -13.71
C LYS B 21 3.44 15.73 -14.20
N SER B 22 3.87 16.80 -13.54
CA SER B 22 5.11 17.48 -13.90
C SER B 22 5.89 17.91 -12.66
N PRO B 23 7.14 17.45 -12.53
CA PRO B 23 7.76 16.51 -13.45
C PRO B 23 7.25 15.08 -13.26
N GLN B 24 7.01 14.44 -14.39
CA GLN B 24 6.46 13.08 -14.37
C GLN B 24 7.36 12.19 -13.51
N GLU B 25 6.80 11.78 -12.38
CA GLU B 25 7.53 10.88 -11.49
C GLU B 25 6.61 10.12 -10.55
N LEU B 26 7.10 9.00 -10.03
CA LEU B 26 6.28 8.26 -9.06
C LEU B 26 6.24 9.06 -7.77
N LEU B 27 5.07 9.28 -7.15
CA LEU B 27 5.12 10.01 -5.88
C LEU B 27 4.96 9.07 -4.69
N CYS B 28 4.25 7.97 -4.94
CA CYS B 28 3.86 7.13 -3.82
C CYS B 28 3.19 5.85 -4.31
N GLY B 29 2.94 4.93 -3.39
CA GLY B 29 2.07 3.79 -3.66
C GLY B 29 0.68 4.10 -3.16
N ALA B 30 -0.24 3.18 -3.41
CA ALA B 30 -1.64 3.35 -3.04
C ALA B 30 -2.39 2.06 -3.35
N SER B 31 -3.69 2.01 -3.09
CA SER B 31 -4.41 0.78 -3.36
C SER B 31 -5.79 1.13 -3.91
N LEU B 32 -6.29 0.21 -4.72
CA LEU B 32 -7.63 0.32 -5.27
C LEU B 32 -8.60 -0.35 -4.32
N ILE B 33 -9.57 0.38 -3.79
CA ILE B 33 -10.49 -0.32 -2.89
C ILE B 33 -11.88 -0.41 -3.48
N SER B 34 -12.13 0.22 -4.62
CA SER B 34 -13.40 0.08 -5.34
C SER B 34 -13.17 0.63 -6.75
N ASP B 35 -14.20 0.92 -7.55
CA ASP B 35 -13.87 1.39 -8.90
C ASP B 35 -13.63 2.89 -8.95
N ARG B 36 -13.83 3.60 -7.82
CA ARG B 36 -13.61 5.04 -7.77
C ARG B 36 -12.81 5.49 -6.56
N TRP B 37 -12.40 4.56 -5.69
CA TRP B 37 -11.66 5.00 -4.51
C TRP B 37 -10.31 4.32 -4.40
N VAL B 38 -9.32 5.15 -4.17
CA VAL B 38 -7.95 4.72 -3.95
C VAL B 38 -7.54 5.11 -2.53
N LEU B 39 -6.96 4.17 -1.82
CA LEU B 39 -6.51 4.39 -0.45
C LEU B 39 -5.03 4.72 -0.47
N THR B 40 -4.62 5.75 0.27
CA THR B 40 -3.17 5.95 0.30
C THR B 40 -2.73 6.49 1.65
N ALA B 41 -1.45 6.85 1.76
CA ALA B 41 -1.00 7.45 3.01
C ALA B 41 -1.08 8.98 2.90
N ALA B 42 -1.64 9.56 3.96
CA ALA B 42 -1.78 11.00 4.12
C ALA B 42 -0.52 11.74 3.70
N HIS B 43 0.62 11.24 4.17
CA HIS B 43 1.89 11.94 3.97
C HIS B 43 2.31 11.94 2.51
N CYS B 44 1.61 11.18 1.67
CA CYS B 44 1.91 11.16 0.25
C CYS B 44 1.46 12.43 -0.44
N LEU B 45 0.49 13.07 0.19
CA LEU B 45 -0.24 14.21 -0.33
C LEU B 45 0.03 15.47 0.47
N LEU B 46 0.32 15.27 1.75
CA LEU B 46 0.48 16.42 2.63
C LEU B 46 1.52 16.15 3.69
N TYR B 47 2.59 16.94 3.59
CA TYR B 47 3.67 16.81 4.57
C TYR B 47 4.50 18.08 4.55
N PRO B 48 3.96 19.07 5.26
CA PRO B 48 4.54 20.42 5.32
C PRO B 48 6.03 20.45 5.62
N PRO B 49 6.58 19.64 6.50
CA PRO B 49 8.04 19.67 6.68
C PRO B 49 8.81 19.53 5.39
N TRP B 50 8.24 18.84 4.40
CA TRP B 50 8.95 18.74 3.12
C TRP B 50 8.30 19.62 2.07
N ASP B 51 7.47 20.55 2.54
CA ASP B 51 6.79 21.42 1.59
C ASP B 51 5.93 20.58 0.64
N LYS B 52 5.35 19.50 1.16
CA LYS B 52 4.43 18.74 0.31
C LYS B 52 2.98 18.97 0.74
N ASN B 53 2.19 19.37 -0.25
CA ASN B 53 0.77 19.62 -0.19
C ASN B 53 0.20 19.51 -1.60
N PHE B 54 -0.06 18.29 -2.05
CA PHE B 54 -0.56 18.05 -3.41
C PHE B 54 -2.05 18.33 -3.54
N THR B 55 -2.39 18.98 -4.65
CA THR B 55 -3.78 19.18 -5.01
C THR B 55 -4.14 18.18 -6.12
N GLU B 56 -5.40 17.82 -6.23
CA GLU B 56 -5.96 16.90 -7.21
C GLU B 56 -5.28 17.03 -8.57
N ASN B 57 -5.29 18.27 -9.06
CA ASN B 57 -4.74 18.58 -10.37
C ASN B 57 -3.27 18.24 -10.45
N ASP B 58 -2.57 18.12 -9.32
CA ASP B 58 -1.16 17.77 -9.41
C ASP B 58 -0.97 16.29 -9.72
N LEU B 59 -2.07 15.52 -9.67
CA LEU B 59 -1.77 14.09 -9.70
C LEU B 59 -2.64 13.30 -10.67
N LEU B 60 -2.07 12.18 -11.07
CA LEU B 60 -2.64 11.07 -11.81
C LEU B 60 -2.58 9.78 -10.99
N VAL B 61 -3.54 8.89 -11.17
CA VAL B 61 -3.42 7.59 -10.50
C VAL B 61 -3.20 6.53 -11.57
N ARG B 62 -2.13 5.74 -11.50
CA ARG B 62 -1.85 4.69 -12.48
C ARG B 62 -2.14 3.30 -11.90
N ILE B 63 -3.18 2.68 -12.43
CA ILE B 63 -3.73 1.42 -11.97
C ILE B 63 -3.46 0.30 -12.98
N GLY B 64 -2.98 -0.83 -12.49
CA GLY B 64 -2.75 -1.98 -13.36
C GLY B 64 -1.29 -2.14 -13.71
N LYS B 65 -0.44 -1.35 -13.04
CA LYS B 65 0.94 -1.30 -13.49
C LYS B 65 1.71 -2.51 -12.98
N HIS B 66 2.77 -2.77 -13.72
CA HIS B 66 3.80 -3.74 -13.40
C HIS B 66 5.15 -3.04 -13.47
N SER B 67 5.57 -2.72 -14.69
CA SER B 67 6.81 -1.99 -14.85
C SER B 67 6.82 -0.71 -14.01
N ARG B 68 7.98 -0.27 -13.51
CA ARG B 68 7.92 0.97 -12.73
C ARG B 68 7.80 2.18 -13.64
N THR B 69 8.67 2.23 -14.66
CA THR B 69 8.77 3.42 -15.49
C THR B 69 7.99 3.35 -16.78
N ARG B 70 7.56 2.17 -17.19
CA ARG B 70 6.94 2.12 -18.52
C ARG B 70 5.47 2.51 -18.53
N TYR B 71 5.07 3.12 -19.66
CA TYR B 71 3.65 3.23 -19.93
C TYR B 71 3.20 1.83 -20.37
N GLU B 72 2.31 1.21 -19.61
CA GLU B 72 1.98 -0.19 -19.97
C GLU B 72 0.69 -0.21 -20.76
N ARG B 73 0.83 0.16 -22.03
CA ARG B 73 -0.22 0.31 -23.01
C ARG B 73 -1.13 -0.92 -23.03
N ASN B 74 -2.43 -0.68 -23.09
CA ASN B 74 -3.48 -1.68 -23.07
C ASN B 74 -3.59 -2.38 -21.72
N ILE B 75 -2.73 -2.03 -20.76
CA ILE B 75 -2.74 -2.74 -19.48
C ILE B 75 -3.04 -1.80 -18.33
N GLU B 76 -2.16 -0.82 -18.14
CA GLU B 76 -2.46 0.13 -17.07
C GLU B 76 -3.58 1.04 -17.55
N LYS B 77 -4.23 1.64 -16.56
CA LYS B 77 -5.20 2.71 -16.74
C LYS B 77 -4.74 3.88 -15.87
N ILE B 78 -4.71 5.08 -16.44
CA ILE B 78 -4.30 6.26 -15.67
C ILE B 78 -5.55 7.06 -15.30
N SER B 79 -5.76 7.36 -14.02
CA SER B 79 -6.98 8.02 -13.58
C SER B 79 -6.73 9.44 -13.09
N MET B 80 -7.75 10.30 -13.18
CA MET B 80 -7.58 11.67 -12.69
C MET B 80 -8.26 11.80 -11.34
N LEU B 81 -7.75 12.69 -10.49
CA LEU B 81 -8.37 12.84 -9.18
C LEU B 81 -9.52 13.85 -9.25
N GLU B 82 -10.67 13.39 -8.80
CA GLU B 82 -11.83 14.23 -8.54
C GLU B 82 -11.68 14.95 -7.20
N LYS B 83 -11.27 14.17 -6.20
CA LYS B 83 -11.18 14.72 -4.85
C LYS B 83 -10.19 13.97 -3.98
N ILE B 84 -9.41 14.69 -3.18
CA ILE B 84 -8.63 14.00 -2.16
C ILE B 84 -9.17 14.37 -0.77
N TYR B 85 -9.22 13.34 0.06
CA TYR B 85 -9.65 13.42 1.44
C TYR B 85 -8.55 12.91 2.37
N ILE B 86 -8.04 13.83 3.19
CA ILE B 86 -7.03 13.49 4.20
C ILE B 86 -7.68 13.35 5.57
N HIS B 87 -7.24 12.44 6.42
CA HIS B 87 -7.81 12.33 7.76
C HIS B 87 -7.67 13.65 8.53
N PRO B 88 -8.75 14.20 9.05
CA PRO B 88 -8.74 15.52 9.67
C PRO B 88 -7.82 15.59 10.89
N ARG B 89 -7.44 14.45 11.44
CA ARG B 89 -6.47 14.44 12.54
C ARG B 89 -5.21 13.69 12.13
N TYR B 90 -4.95 13.61 10.83
CA TYR B 90 -3.64 13.16 10.38
C TYR B 90 -2.57 13.95 11.12
N ASN B 91 -1.68 13.30 11.86
CA ASN B 91 -0.66 14.02 12.62
C ASN B 91 0.68 14.09 11.90
N TRP B 92 0.78 15.03 10.96
CA TRP B 92 2.05 15.20 10.25
C TRP B 92 3.07 15.89 11.14
N ARG B 93 2.64 16.57 12.22
CA ARG B 93 3.64 17.32 13.00
C ARG B 93 4.55 16.41 13.80
N GLU B 94 4.02 15.28 14.27
CA GLU B 94 4.86 14.50 15.18
C GLU B 94 5.17 13.10 14.69
N ASN B 95 4.16 12.25 14.50
CA ASN B 95 4.46 10.84 14.26
C ASN B 95 3.66 10.22 13.14
N LEU B 96 2.99 11.02 12.32
CA LEU B 96 2.24 10.43 11.21
C LEU B 96 1.11 9.53 11.72
N ASP B 97 0.64 9.84 12.92
CA ASP B 97 -0.54 9.17 13.48
C ASP B 97 -1.72 9.37 12.54
N ARG B 98 -2.41 8.30 12.17
CA ARG B 98 -3.59 8.41 11.31
C ARG B 98 -3.14 8.81 9.90
N ASP B 99 -2.12 8.12 9.44
CA ASP B 99 -1.49 8.41 8.15
C ASP B 99 -2.26 7.74 7.01
N ILE B 100 -3.34 8.41 6.62
CA ILE B 100 -4.31 7.83 5.72
C ILE B 100 -5.09 8.92 4.98
N ALA B 101 -5.29 8.70 3.69
CA ALA B 101 -6.06 9.56 2.82
C ALA B 101 -6.80 8.68 1.79
N LEU B 102 -7.92 9.21 1.36
CA LEU B 102 -8.70 8.65 0.26
C LEU B 102 -8.59 9.56 -0.96
N MET B 103 -8.60 8.96 -2.14
CA MET B 103 -8.61 9.71 -3.39
C MET B 103 -9.78 9.22 -4.24
N LYS B 104 -10.68 10.15 -4.58
CA LYS B 104 -11.80 9.80 -5.44
C LYS B 104 -11.41 10.04 -6.90
N LEU B 105 -11.58 9.00 -7.72
CA LEU B 105 -11.35 9.08 -9.14
C LEU B 105 -12.44 9.88 -9.84
N LYS B 106 -12.08 10.59 -10.90
CA LYS B 106 -13.02 11.32 -11.76
C LYS B 106 -14.02 10.38 -12.42
N LYS B 107 -13.52 9.38 -13.15
CA LYS B 107 -14.37 8.36 -13.74
C LYS B 107 -13.97 7.00 -13.16
N PRO B 108 -14.89 6.05 -13.14
CA PRO B 108 -14.54 4.74 -12.55
C PRO B 108 -13.46 4.08 -13.39
N VAL B 109 -12.62 3.26 -12.76
CA VAL B 109 -11.68 2.54 -13.61
C VAL B 109 -12.33 1.20 -13.94
N ALA B 110 -11.93 0.59 -15.06
CA ALA B 110 -12.49 -0.71 -15.42
C ALA B 110 -11.60 -1.82 -14.87
N PHE B 111 -12.23 -2.74 -14.14
CA PHE B 111 -11.53 -3.89 -13.60
C PHE B 111 -10.97 -4.74 -14.74
N SER B 112 -9.96 -5.54 -14.44
CA SER B 112 -9.40 -6.42 -15.46
C SER B 112 -8.57 -7.50 -14.76
N ASP B 113 -7.86 -8.31 -15.52
CA ASP B 113 -6.93 -9.25 -14.88
C ASP B 113 -5.89 -8.52 -14.04
N TYR B 114 -5.62 -7.25 -14.34
CA TYR B 114 -4.49 -6.55 -13.72
C TYR B 114 -4.94 -5.48 -12.73
N ILE B 115 -6.24 -5.22 -12.76
CA ILE B 115 -6.90 -4.18 -12.00
C ILE B 115 -8.13 -4.70 -11.28
N HIS B 116 -8.04 -4.69 -9.96
CA HIS B 116 -9.03 -5.33 -9.07
C HIS B 116 -8.76 -4.82 -7.66
N PRO B 117 -9.84 -4.50 -6.98
CA PRO B 117 -9.81 -3.96 -5.62
C PRO B 117 -9.50 -4.99 -4.55
N VAL B 118 -8.83 -4.53 -3.50
CA VAL B 118 -8.53 -5.34 -2.32
C VAL B 118 -9.69 -5.14 -1.36
N CYS B 119 -9.96 -6.06 -0.44
CA CYS B 119 -10.95 -5.76 0.58
C CYS B 119 -10.39 -4.91 1.72
N LEU B 120 -11.29 -4.23 2.43
CA LEU B 120 -10.94 -3.62 3.70
C LEU B 120 -11.43 -4.51 4.83
N PRO B 121 -10.59 -4.64 5.84
CA PRO B 121 -10.87 -5.61 6.91
C PRO B 121 -12.06 -5.14 7.75
N ASP B 122 -12.83 -6.10 8.24
CA ASP B 122 -13.84 -5.90 9.27
C ASP B 122 -13.18 -6.18 10.61
N ARG B 123 -13.83 -5.85 11.73
CA ARG B 123 -13.22 -6.10 13.04
C ARG B 123 -12.77 -7.53 13.23
N GLU B 124 -13.52 -8.49 12.67
CA GLU B 124 -13.19 -9.90 12.96
C GLU B 124 -11.98 -10.34 12.16
N THR B 125 -11.90 -9.95 10.87
CA THR B 125 -10.67 -10.28 10.15
C THR B 125 -9.49 -9.58 10.83
N ALA B 126 -9.59 -8.30 11.14
CA ALA B 126 -8.52 -7.58 11.84
C ALA B 126 -8.07 -8.34 13.09
N ALA B 127 -9.05 -8.68 13.93
CA ALA B 127 -8.73 -9.35 15.19
C ALA B 127 -8.04 -10.68 14.96
N SER B 128 -8.54 -11.42 13.97
CA SER B 128 -7.99 -12.72 13.66
C SER B 128 -6.62 -12.67 13.00
N LEU B 129 -6.35 -11.67 12.17
CA LEU B 129 -5.13 -11.65 11.37
C LEU B 129 -4.06 -10.71 11.90
N LEU B 130 -4.46 -9.72 12.70
CA LEU B 130 -3.43 -8.76 13.09
C LEU B 130 -2.77 -9.23 14.37
N GLN B 131 -2.01 -10.31 14.25
CA GLN B 131 -1.37 -10.98 15.35
C GLN B 131 0.15 -11.02 15.13
N ALA B 132 0.90 -10.82 16.19
CA ALA B 132 2.35 -10.94 16.13
C ALA B 132 2.71 -12.25 15.45
N GLY B 133 3.60 -12.21 14.48
CA GLY B 133 4.01 -13.47 13.85
C GLY B 133 3.28 -13.72 12.55
N TYR B 134 2.00 -13.30 12.50
CA TYR B 134 1.29 -13.48 11.23
C TYR B 134 1.97 -12.63 10.18
N LYS B 135 2.14 -13.15 8.96
CA LYS B 135 2.82 -12.37 7.94
C LYS B 135 1.83 -11.65 7.03
N GLY B 136 2.18 -10.43 6.65
CA GLY B 136 1.39 -9.71 5.65
C GLY B 136 2.34 -9.52 4.45
N ARG B 137 1.83 -8.88 3.41
CA ARG B 137 2.62 -8.69 2.21
C ARG B 137 2.66 -7.21 1.81
N VAL B 138 3.85 -6.71 1.49
CA VAL B 138 3.84 -5.31 1.03
C VAL B 138 4.53 -5.17 -0.31
N THR B 139 3.95 -4.28 -1.11
CA THR B 139 4.33 -4.06 -2.49
C THR B 139 4.59 -2.60 -2.80
N GLY B 140 5.53 -2.35 -3.72
CA GLY B 140 5.77 -0.98 -4.15
C GLY B 140 6.90 -0.86 -5.16
N TRP B 141 6.96 0.29 -5.83
CA TRP B 141 7.97 0.62 -6.82
C TRP B 141 9.11 1.41 -6.20
N GLY B 142 9.14 1.42 -4.87
CA GLY B 142 10.17 2.22 -4.21
C GLY B 142 11.55 1.61 -4.26
N ASN B 143 12.44 2.30 -3.56
CA ASN B 143 13.84 1.96 -3.49
C ASN B 143 14.07 0.53 -3.04
N LEU B 144 15.13 -0.03 -3.59
CA LEU B 144 15.57 -1.39 -3.34
C LEU B 144 16.46 -1.44 -2.12
N LYS B 145 16.95 -0.25 -1.74
CA LYS B 145 17.83 -0.24 -0.58
C LYS B 145 17.83 1.15 0.03
N GLU B 146 18.35 1.28 1.24
CA GLU B 146 18.31 2.62 1.84
C GLU B 146 19.20 3.59 1.07
N THR B 147 20.27 3.09 0.47
CA THR B 147 21.11 3.93 -0.39
C THR B 147 21.82 3.08 -1.43
N GLY B 155 18.92 0.91 -7.02
CA GLY B 155 18.06 1.52 -6.02
C GLY B 155 16.59 1.55 -6.42
N GLN B 156 16.32 1.80 -7.69
CA GLN B 156 14.96 1.76 -8.22
C GLN B 156 14.73 0.45 -8.96
N PRO B 157 13.59 -0.16 -8.67
CA PRO B 157 13.23 -1.45 -9.30
C PRO B 157 12.63 -1.28 -10.68
N SER B 158 12.81 -2.28 -11.53
CA SER B 158 12.19 -2.23 -12.84
C SER B 158 10.73 -2.64 -12.79
N VAL B 159 10.39 -3.55 -11.87
CA VAL B 159 8.97 -3.94 -11.77
C VAL B 159 8.49 -3.85 -10.33
N LEU B 160 7.18 -3.95 -10.13
CA LEU B 160 6.59 -4.03 -8.81
C LEU B 160 7.31 -5.03 -7.94
N GLN B 161 7.74 -4.59 -6.77
CA GLN B 161 8.43 -5.40 -5.78
C GLN B 161 7.46 -5.93 -4.72
N VAL B 162 7.74 -7.12 -4.20
CA VAL B 162 6.86 -7.76 -3.24
C VAL B 162 7.66 -8.36 -2.07
N VAL B 163 7.16 -8.12 -0.87
CA VAL B 163 7.80 -8.68 0.33
C VAL B 163 6.76 -9.04 1.40
N ASN B 164 6.91 -10.26 1.92
CA ASN B 164 6.17 -10.84 3.03
C ASN B 164 6.91 -10.57 4.33
N LEU B 165 6.21 -9.96 5.28
CA LEU B 165 6.86 -9.54 6.51
C LEU B 165 5.99 -9.87 7.70
N PRO B 166 6.56 -10.38 8.78
CA PRO B 166 5.73 -10.74 9.93
C PRO B 166 5.34 -9.53 10.78
N ILE B 167 4.10 -9.47 11.24
CA ILE B 167 3.67 -8.39 12.13
C ILE B 167 4.48 -8.50 13.41
N VAL B 168 4.82 -7.37 14.02
CA VAL B 168 5.73 -7.47 15.17
C VAL B 168 5.01 -7.11 16.45
N GLU B 169 5.42 -7.69 17.57
CA GLU B 169 4.81 -7.40 18.86
C GLU B 169 4.84 -5.90 19.16
N ARG B 170 3.71 -5.37 19.58
CA ARG B 170 3.60 -3.94 19.91
C ARG B 170 4.74 -3.44 20.79
N PRO B 171 5.12 -4.10 21.86
CA PRO B 171 6.24 -3.59 22.69
C PRO B 171 7.57 -3.65 21.95
N VAL B 172 7.77 -4.68 21.15
CA VAL B 172 8.99 -4.66 20.33
C VAL B 172 8.95 -3.45 19.42
N CYS B 173 7.77 -3.18 18.87
CA CYS B 173 7.64 -1.98 18.02
C CYS B 173 8.08 -0.74 18.79
N LYS B 174 7.49 -0.57 19.97
CA LYS B 174 7.72 0.59 20.83
C LYS B 174 9.19 0.68 21.26
N ASP B 175 9.74 -0.43 21.75
CA ASP B 175 11.15 -0.48 22.12
C ASP B 175 12.09 -0.33 20.95
N SER B 176 11.60 -0.32 19.71
CA SER B 176 12.56 -0.22 18.60
C SER B 176 12.80 1.22 18.20
N THR B 177 12.01 2.13 18.76
CA THR B 177 12.09 3.51 18.27
C THR B 177 11.86 4.53 19.38
N ARG B 178 12.31 5.75 19.11
CA ARG B 178 12.01 6.86 20.01
C ARG B 178 10.73 7.56 19.59
N ILE B 179 10.24 7.30 18.37
CA ILE B 179 8.96 7.89 17.98
C ILE B 179 7.82 7.32 18.80
N ARG B 180 6.88 8.19 19.21
CA ARG B 180 5.72 7.70 19.93
C ARG B 180 4.76 6.99 19.01
N ILE B 181 4.53 5.68 19.23
CA ILE B 181 3.62 4.96 18.32
C ILE B 181 2.22 4.91 18.90
N THR B 182 1.20 4.72 18.06
CA THR B 182 -0.18 4.77 18.51
C THR B 182 -0.94 3.51 18.13
N ASP B 183 -2.19 3.38 18.59
CA ASP B 183 -3.00 2.23 18.23
C ASP B 183 -3.38 2.31 16.75
N ASN B 184 -3.13 3.45 16.11
CA ASN B 184 -3.45 3.56 14.69
C ASN B 184 -2.27 3.10 13.84
N MET B 185 -1.33 2.39 14.46
CA MET B 185 -0.18 1.89 13.74
C MET B 185 0.17 0.48 14.22
N PHE B 186 0.83 -0.24 13.32
CA PHE B 186 1.42 -1.50 13.75
C PHE B 186 2.79 -1.59 13.08
N CYS B 187 3.66 -2.46 13.58
CA CYS B 187 4.94 -2.50 12.84
C CYS B 187 5.11 -3.92 12.31
N ALA B 188 5.86 -4.04 11.21
CA ALA B 188 6.13 -5.34 10.64
C ALA B 188 7.58 -5.43 10.16
N GLY B 189 8.17 -6.62 10.23
CA GLY B 189 9.58 -6.74 9.84
C GLY B 189 10.24 -7.85 10.61
N TYR B 190 11.34 -8.43 10.10
CA TYR B 190 11.92 -9.51 10.89
C TYR B 190 12.79 -8.95 12.02
N LYS B 191 12.88 -9.70 13.11
CA LYS B 191 13.81 -9.37 14.20
C LYS B 191 15.23 -9.65 13.72
N PRO B 192 16.24 -8.98 14.25
CA PRO B 192 17.61 -9.15 13.73
C PRO B 192 18.12 -10.59 13.71
N ASP B 193 17.58 -11.46 14.54
CA ASP B 193 18.09 -12.83 14.58
C ASP B 193 17.20 -13.82 13.83
N GLU B 194 16.12 -13.34 13.23
CA GLU B 194 15.25 -14.19 12.40
C GLU B 194 15.89 -14.41 11.03
N GLY B 195 17.04 -13.78 10.85
CA GLY B 195 17.85 -13.96 9.66
C GLY B 195 17.26 -13.23 8.47
N LYS B 196 16.10 -13.71 8.03
CA LYS B 196 15.40 -13.09 6.91
C LYS B 196 15.17 -11.61 7.19
N ARG B 197 15.05 -10.82 6.12
CA ARG B 197 14.84 -9.39 6.26
C ARG B 197 13.90 -8.87 5.19
N GLY B 198 13.88 -7.55 4.98
CA GLY B 198 12.97 -7.05 3.93
C GLY B 198 12.19 -5.91 4.53
N ASP B 199 11.81 -4.93 3.72
CA ASP B 199 11.09 -3.79 4.32
C ASP B 199 10.61 -2.93 3.16
N ALA B 200 9.67 -2.04 3.42
CA ALA B 200 9.34 -0.96 2.53
C ALA B 200 10.47 0.06 2.61
N CYS B 201 10.46 0.98 1.65
CA CYS B 201 11.45 2.05 1.67
C CYS B 201 10.85 3.27 0.98
N GLU B 202 11.67 4.30 0.79
CA GLU B 202 11.21 5.53 0.15
C GLU B 202 10.56 5.22 -1.18
N GLY B 203 9.39 5.78 -1.41
CA GLY B 203 8.61 5.58 -2.62
C GLY B 203 7.57 4.47 -2.48
N ASP B 204 7.68 3.72 -1.38
CA ASP B 204 6.69 2.68 -1.11
C ASP B 204 5.49 3.24 -0.36
N SER B 205 5.65 4.39 0.28
CA SER B 205 4.63 5.15 0.99
C SER B 205 3.26 5.03 0.32
N GLY B 206 2.23 4.88 1.13
CA GLY B 206 0.81 4.81 0.81
C GLY B 206 0.44 3.48 0.19
N GLY B 207 1.43 2.62 -0.02
CA GLY B 207 1.15 1.30 -0.56
C GLY B 207 0.55 0.39 0.49
N PRO B 208 0.01 -0.73 0.02
CA PRO B 208 -0.74 -1.64 0.86
C PRO B 208 0.09 -2.74 1.54
N PHE B 209 -0.23 -2.94 2.82
CA PHE B 209 0.16 -4.11 3.58
C PHE B 209 -1.06 -5.03 3.51
N VAL B 210 -0.91 -6.19 2.86
CA VAL B 210 -2.12 -7.00 2.72
C VAL B 210 -1.87 -8.37 3.33
N MET B 211 -2.96 -9.04 3.67
CA MET B 211 -2.88 -10.39 4.19
C MET B 211 -3.96 -11.25 3.55
N LYS B 212 -3.66 -12.52 3.33
CA LYS B 212 -4.66 -13.40 2.73
C LYS B 212 -5.44 -14.12 3.82
N SER B 213 -6.71 -13.74 3.99
CA SER B 213 -7.48 -14.39 5.05
C SER B 213 -7.60 -15.88 4.74
N PRO B 214 -7.27 -16.70 5.72
CA PRO B 214 -7.39 -18.15 5.57
C PRO B 214 -8.84 -18.63 5.71
N PHE B 215 -9.74 -17.77 6.14
CA PHE B 215 -11.15 -18.07 6.32
C PHE B 215 -11.95 -17.92 5.04
N ASN B 216 -11.71 -16.88 4.25
CA ASN B 216 -12.48 -16.81 3.00
C ASN B 216 -11.58 -16.76 1.76
N ASN B 217 -10.28 -16.82 1.97
CA ASN B 217 -9.29 -16.83 0.92
C ASN B 217 -9.23 -15.52 0.15
N ARG B 218 -9.53 -14.44 0.85
CA ARG B 218 -9.61 -13.11 0.28
C ARG B 218 -8.48 -12.22 0.81
N TRP B 219 -7.96 -11.36 -0.07
CA TRP B 219 -6.90 -10.48 0.37
C TRP B 219 -7.51 -9.22 0.99
N TYR B 220 -7.07 -8.90 2.18
CA TYR B 220 -7.44 -7.73 2.96
C TYR B 220 -6.25 -6.78 3.11
N GLN B 221 -6.54 -5.49 3.01
CA GLN B 221 -5.49 -4.50 3.29
C GLN B 221 -5.53 -4.12 4.77
N MET B 222 -4.59 -4.63 5.57
CA MET B 222 -4.51 -4.37 6.99
C MET B 222 -3.71 -3.11 7.28
N GLY B 223 -2.82 -2.78 6.35
CA GLY B 223 -1.97 -1.62 6.60
C GLY B 223 -1.69 -0.77 5.37
N ILE B 224 -1.16 0.42 5.61
CA ILE B 224 -0.61 1.31 4.62
C ILE B 224 0.82 1.65 5.01
N VAL B 225 1.71 1.57 4.03
CA VAL B 225 3.12 1.92 4.27
C VAL B 225 3.18 3.35 4.79
N SER B 226 3.70 3.53 6.00
CA SER B 226 3.58 4.87 6.56
C SER B 226 4.94 5.47 6.90
N TRP B 227 5.71 4.80 7.76
CA TRP B 227 7.02 5.33 8.09
C TRP B 227 7.94 4.24 8.62
N GLY B 228 9.21 4.56 8.51
CA GLY B 228 10.33 3.78 9.00
C GLY B 228 11.54 4.67 9.21
N GLU B 229 12.47 4.20 10.04
CA GLU B 229 13.70 4.96 10.23
C GLU B 229 14.78 4.18 9.47
N GLY B 230 15.12 4.72 8.32
CA GLY B 230 15.92 4.00 7.36
C GLY B 230 15.05 2.91 6.73
N CYS B 231 15.66 1.97 6.03
CA CYS B 231 14.92 0.90 5.37
C CYS B 231 15.61 -0.42 5.68
N ASP B 232 14.92 -1.41 6.24
CA ASP B 232 15.57 -2.70 6.45
C ASP B 232 16.80 -2.53 7.33
N ARG B 233 16.74 -1.57 8.26
CA ARG B 233 17.77 -1.56 9.29
C ARG B 233 17.43 -2.58 10.37
N ASP B 234 18.43 -3.35 10.78
CA ASP B 234 18.33 -4.32 11.85
C ASP B 234 17.80 -3.70 13.13
N GLY B 235 16.87 -4.38 13.80
CA GLY B 235 16.30 -3.88 15.03
C GLY B 235 15.30 -2.77 14.83
N LYS B 236 15.05 -2.39 13.58
CA LYS B 236 14.04 -1.42 13.18
C LYS B 236 12.93 -2.11 12.41
N TYR B 237 11.73 -1.56 12.40
CA TYR B 237 10.57 -2.19 11.77
C TYR B 237 9.80 -1.16 10.95
N GLY B 238 9.13 -1.60 9.90
CA GLY B 238 8.34 -0.69 9.08
C GLY B 238 7.07 -0.35 9.86
N PHE B 239 6.55 0.85 9.72
CA PHE B 239 5.33 1.18 10.44
C PHE B 239 4.22 1.43 9.42
N TYR B 240 3.08 0.84 9.74
CA TYR B 240 1.95 0.81 8.84
C TYR B 240 0.72 1.42 9.50
N THR B 241 0.02 2.23 8.72
CA THR B 241 -1.26 2.74 9.19
C THR B 241 -2.23 1.58 9.40
N HIS B 242 -2.76 1.49 10.62
CA HIS B 242 -3.75 0.45 10.94
C HIS B 242 -5.07 0.78 10.27
N VAL B 243 -5.34 0.13 9.14
CA VAL B 243 -6.51 0.46 8.33
C VAL B 243 -7.80 0.22 9.08
N PHE B 244 -7.92 -0.93 9.74
CA PHE B 244 -9.18 -1.19 10.43
C PHE B 244 -9.47 -0.11 11.46
N ARG B 245 -8.42 0.37 12.15
CA ARG B 245 -8.71 1.34 13.21
C ARG B 245 -9.25 2.61 12.61
N LEU B 246 -9.02 2.86 11.32
CA LEU B 246 -9.49 4.14 10.79
C LEU B 246 -10.65 3.89 9.84
N LYS B 247 -11.21 2.69 9.92
CA LYS B 247 -12.22 2.29 8.94
C LYS B 247 -13.47 3.15 9.00
N LYS B 248 -13.80 3.62 10.20
CA LYS B 248 -15.04 4.40 10.30
C LYS B 248 -14.87 5.65 9.47
N TRP B 249 -13.70 6.29 9.62
CA TRP B 249 -13.42 7.48 8.82
C TRP B 249 -13.50 7.17 7.32
N ILE B 250 -12.97 6.00 6.95
CA ILE B 250 -13.01 5.57 5.57
C ILE B 250 -14.45 5.45 5.08
N GLN B 251 -15.27 4.71 5.82
CA GLN B 251 -16.64 4.49 5.37
C GLN B 251 -17.40 5.79 5.33
N LYS B 252 -17.22 6.58 6.39
CA LYS B 252 -17.86 7.87 6.46
C LYS B 252 -17.48 8.70 5.24
N VAL B 253 -16.19 8.83 4.95
CA VAL B 253 -15.87 9.68 3.80
C VAL B 253 -16.47 9.13 2.51
N ILE B 254 -16.60 7.81 2.45
CA ILE B 254 -17.04 7.21 1.19
C ILE B 254 -18.55 7.31 1.07
N ASP B 255 -19.20 7.09 2.21
CA ASP B 255 -20.65 7.21 2.26
C ASP B 255 -21.10 8.63 1.94
N GLN B 256 -20.45 9.60 2.56
CA GLN B 256 -20.86 10.99 2.40
C GLN B 256 -20.58 11.52 0.99
N PHE B 257 -19.38 11.27 0.49
CA PHE B 257 -19.04 11.88 -0.80
C PHE B 257 -19.25 10.96 -1.98
N GLY B 258 -19.71 9.73 -1.73
CA GLY B 258 -20.06 8.82 -2.81
C GLY B 258 -19.07 7.69 -3.02
N GLY C 1 11.88 11.84 -14.35
CA GLY C 1 11.94 12.02 -15.80
C GLY C 1 12.46 10.79 -16.52
N ASP C 2 12.78 9.75 -15.75
CA ASP C 2 13.25 8.48 -16.30
C ASP C 2 12.06 7.59 -16.63
N PHE C 3 10.89 8.24 -16.66
CA PHE C 3 9.64 7.56 -16.93
C PHE C 3 9.21 7.70 -18.37
N GLU C 4 8.73 6.60 -18.97
CA GLU C 4 8.26 6.77 -20.34
C GLU C 4 7.10 7.76 -20.33
N GLU C 5 7.07 8.54 -21.40
CA GLU C 5 6.00 9.49 -21.66
C GLU C 5 4.64 8.81 -21.59
N ILE C 6 3.73 9.38 -20.81
CA ILE C 6 2.36 8.92 -20.84
C ILE C 6 1.61 9.76 -21.86
N PRO C 7 0.53 9.24 -22.43
CA PRO C 7 -0.25 10.03 -23.38
C PRO C 7 -0.62 11.40 -22.82
N GLU C 8 -0.46 12.41 -23.66
CA GLU C 8 -0.72 13.80 -23.34
C GLU C 8 -2.14 14.00 -22.83
N GLU C 9 -3.03 13.12 -23.29
CA GLU C 9 -4.42 13.15 -22.86
C GLU C 9 -4.51 13.20 -21.34
N TYS C 10 -3.84 12.27 -20.68
CA TYS C 10 -3.89 12.21 -19.18
CB TYS C 10 -3.01 11.04 -18.70
CG TYS C 10 -3.58 9.77 -19.29
CD1 TYS C 10 -4.99 9.56 -19.20
CD2 TYS C 10 -2.75 8.86 -19.95
CE1 TYS C 10 -5.54 8.38 -19.73
CE2 TYS C 10 -3.31 7.69 -20.50
CZ TYS C 10 -4.71 7.46 -20.40
OH TYS C 10 -5.27 6.33 -20.94
S TYS C 10 -5.02 5.04 -20.16
O1 TYS C 10 -6.05 4.94 -19.03
O2 TYS C 10 -5.37 4.01 -21.08
O3 TYS C 10 -3.70 5.07 -19.61
C TYS C 10 -3.37 13.43 -18.46
O TYS C 10 -2.34 13.29 -17.84
N LEU C 11 -4.06 14.55 -18.59
CA LEU C 11 -3.77 15.84 -17.98
C LEU C 11 -4.39 16.97 -18.80
NA NA D . 14.38 -4.02 10.16
NA NA E . 10.61 3.48 22.36
N1 51U F . 11.98 8.40 8.39
C2 51U F . 10.69 9.02 8.75
C3 51U F . 9.57 8.50 7.87
O1 51U F . 9.44 7.30 7.72
C1 51U F . 10.36 8.77 10.24
C17 51U F . 9.22 9.68 10.70
C18 51U F . 9.34 11.07 10.59
C23 51U F . 8.05 9.14 11.23
C19 51U F . 8.30 11.90 11.02
C22 51U F . 7.01 9.97 11.65
C20 51U F . 7.13 11.36 11.55
N2 51U F . 8.79 9.40 7.35
C7 51U F . 7.87 9.09 6.28
C8 51U F . 8.40 8.11 5.27
O2 51U F . 9.42 8.34 4.65
C6 51U F . 7.43 10.44 5.66
C5 51U F . 7.97 11.50 6.66
C4 51U F . 9.21 10.79 7.29
N3 51U F . 7.66 6.88 5.13
C9 51U F . 8.10 6.08 4.02
C10 51U F . 8.66 4.78 4.57
C11 51U F . 7.82 3.82 5.14
C12 51U F . 8.35 2.62 5.63
C13 51U F . 7.45 1.56 6.26
C14 51U F . 9.73 2.41 5.55
C15 51U F . 10.58 3.36 4.99
C16 51U F . 10.04 4.55 4.49
#